data_9GWI
#
_entry.id   9GWI
#
_cell.length_a   93.707
_cell.length_b   61.252
_cell.length_c   118.746
_cell.angle_alpha   90.000
_cell.angle_beta   101.560
_cell.angle_gamma   90.000
#
_symmetry.space_group_name_H-M   'C 1 2 1'
#
loop_
_entity.id
_entity.type
_entity.pdbx_description
1 polymer 'Peroxisome proliferator-activated receptor gamma'
2 non-polymer '4-[5-chloranyl-1-[2-chloranyl-6-(trifluoromethyl)phenyl]carbonyl-indazol-3-yl]-3-(phenoxymethyl)benzoic acid'
3 water water
#
_entity_poly.entity_id   1
_entity_poly.type   'polypeptide(L)'
_entity_poly.pdbx_seq_one_letter_code
;GSHMESADLRALAKHLYDSYIKSFPLTKAKARAILTGKTTDKSPFVIYDMNSLMMGEDKIKFKHITPLQEQSKEVAIRIF
QGCQFRSVEAVQEITEYAKSIPGFVNLDLNDQVTLLKYGVHEIIYTMLASLMNKDGVLISEGQGFMTREFLKSLRKPFGD
FMEPKFEFAVKFNALELDDSDLAIFIAVIILSGDRPGLLNVKPIEDIQDNLLQALELQLKLNHPESSQLFAKLLQKMTDL
RQIVTEHVQLLQVIKKTETDMSLHPLLQEIYKDLY
;
_entity_poly.pdbx_strand_id   A,B
#
loop_
_chem_comp.id
_chem_comp.type
_chem_comp.name
_chem_comp.formula
A1IPY non-polymer '4-[5-chloranyl-1-[2-chloranyl-6-(trifluoromethyl)phenyl]carbonyl-indazol-3-yl]-3-(phenoxymethyl)benzoic acid' 'C29 H17 Cl2 F3 N2 O4'
#
# COMPACT_ATOMS: atom_id res chain seq x y z
N MET A 4 26.77 -0.86 0.89
CA MET A 4 26.93 0.10 -0.19
C MET A 4 27.91 -0.39 -1.28
N GLU A 5 28.93 -1.17 -0.90
CA GLU A 5 29.76 -1.91 -1.86
C GLU A 5 29.13 -3.27 -2.12
N SER A 6 29.26 -3.76 -3.38
CA SER A 6 28.61 -5.00 -3.80
C SER A 6 28.92 -6.17 -2.87
N ALA A 7 30.20 -6.43 -2.61
CA ALA A 7 30.58 -7.56 -1.77
C ALA A 7 30.03 -7.45 -0.35
N ASP A 8 29.83 -6.21 0.13
CA ASP A 8 29.21 -6.01 1.43
C ASP A 8 27.72 -6.35 1.40
N LEU A 9 27.04 -6.04 0.30
CA LEU A 9 25.64 -6.41 0.16
C LEU A 9 25.47 -7.93 0.12
N ARG A 10 26.35 -8.63 -0.59
CA ARG A 10 26.30 -10.08 -0.61
C ARG A 10 26.53 -10.66 0.78
N ALA A 11 27.47 -10.09 1.53
CA ALA A 11 27.71 -10.54 2.90
C ALA A 11 26.45 -10.37 3.75
N LEU A 12 25.77 -9.23 3.61
CA LEU A 12 24.53 -8.99 4.36
C LEU A 12 23.40 -9.95 3.97
N ALA A 13 23.29 -10.30 2.67
CA ALA A 13 22.28 -11.28 2.25
C ALA A 13 22.56 -12.66 2.83
N LYS A 14 23.82 -13.09 2.80
CA LYS A 14 24.19 -14.38 3.40
C LYS A 14 23.94 -14.39 4.90
N HIS A 15 24.29 -13.30 5.60
CA HIS A 15 24.01 -13.23 7.04
C HIS A 15 22.53 -13.39 7.30
N LEU A 16 21.68 -12.66 6.56
CA LEU A 16 20.25 -12.74 6.82
C LEU A 16 19.69 -14.11 6.45
N TYR A 17 20.13 -14.67 5.31
CA TYR A 17 19.67 -16.02 4.94
C TYR A 17 20.04 -17.03 6.02
N ASP A 18 21.30 -17.00 6.47
CA ASP A 18 21.76 -17.91 7.52
C ASP A 18 20.92 -17.79 8.78
N SER A 19 20.58 -16.55 9.16
CA SER A 19 19.83 -16.35 10.39
C SER A 19 18.36 -16.77 10.23
N TYR A 20 17.80 -16.51 9.05
CA TYR A 20 16.46 -17.00 8.73
C TYR A 20 16.37 -18.53 8.89
N ILE A 21 17.39 -19.24 8.43
CA ILE A 21 17.39 -20.70 8.58
C ILE A 21 17.39 -21.07 10.06
N LYS A 22 18.19 -20.35 10.87
CA LYS A 22 18.28 -20.73 12.27
C LYS A 22 16.99 -20.41 13.01
N SER A 23 16.25 -19.41 12.55
CA SER A 23 15.09 -18.93 13.27
C SER A 23 13.78 -19.62 12.92
N PHE A 24 13.61 -20.08 11.68
CA PHE A 24 12.31 -20.60 11.22
C PHE A 24 12.47 -22.06 10.84
N PRO A 25 11.88 -22.97 11.61
CA PRO A 25 12.14 -24.41 11.36
C PRO A 25 11.53 -24.92 10.06
N LEU A 26 10.46 -24.34 9.56
CA LEU A 26 9.84 -24.85 8.35
C LEU A 26 10.02 -23.81 7.25
N THR A 27 10.99 -24.08 6.36
CA THR A 27 11.32 -23.18 5.27
C THR A 27 10.39 -23.39 4.07
N LYS A 28 10.46 -22.44 3.13
CA LYS A 28 9.76 -22.59 1.85
C LYS A 28 10.29 -23.78 1.09
N ALA A 29 11.62 -23.96 1.10
CA ALA A 29 12.23 -25.12 0.45
C ALA A 29 11.66 -26.44 0.99
N LYS A 30 11.58 -26.57 2.32
CA LYS A 30 11.03 -27.79 2.90
C LYS A 30 9.53 -27.91 2.60
N ALA A 31 8.79 -26.80 2.71
CA ALA A 31 7.36 -26.82 2.45
C ALA A 31 7.05 -27.22 1.00
N ARG A 32 7.83 -26.74 0.02
CA ARG A 32 7.59 -27.09 -1.38
C ARG A 32 7.87 -28.57 -1.63
N ALA A 33 8.89 -29.13 -0.97
CA ALA A 33 9.17 -30.55 -1.11
C ALA A 33 8.01 -31.39 -0.57
N ILE A 34 7.39 -30.94 0.52
CA ILE A 34 6.23 -31.66 1.02
C ILE A 34 5.04 -31.50 0.09
N LEU A 35 4.78 -30.26 -0.36
CA LEU A 35 3.60 -29.99 -1.17
C LEU A 35 3.65 -30.67 -2.54
N THR A 36 4.80 -30.62 -3.22
CA THR A 36 4.85 -31.20 -4.56
C THR A 36 5.01 -32.70 -4.51
N GLY A 37 5.49 -33.23 -3.40
CA GLY A 37 5.42 -34.66 -3.19
C GLY A 37 6.55 -35.44 -3.78
N LYS A 38 6.18 -36.55 -4.44
CA LYS A 38 7.09 -37.55 -4.99
C LYS A 38 7.99 -38.13 -3.91
N THR A 39 7.69 -37.84 -2.64
CA THR A 39 8.46 -38.34 -1.51
C THR A 39 7.52 -39.19 -0.67
N THR A 40 7.92 -40.44 -0.41
CA THR A 40 7.16 -41.27 0.52
C THR A 40 7.40 -40.87 1.98
N ASP A 41 8.52 -40.22 2.29
CA ASP A 41 8.87 -39.97 3.68
C ASP A 41 8.29 -38.66 4.23
N LYS A 42 7.99 -37.69 3.37
CA LYS A 42 7.53 -36.40 3.82
C LYS A 42 6.04 -36.17 3.57
N SER A 43 5.25 -37.23 3.38
CA SER A 43 3.88 -37.10 2.86
C SER A 43 2.92 -36.70 3.98
N PRO A 44 2.17 -35.60 3.83
CA PRO A 44 1.29 -35.15 4.90
C PRO A 44 -0.04 -35.90 4.97
N PHE A 45 -0.60 -35.92 6.19
CA PHE A 45 -1.98 -36.36 6.38
C PHE A 45 -2.91 -35.22 5.98
N VAL A 46 -3.94 -35.52 5.18
CA VAL A 46 -4.75 -34.45 4.60
C VAL A 46 -6.06 -34.34 5.38
N ILE A 47 -6.36 -33.13 5.85
CA ILE A 47 -7.59 -32.85 6.58
C ILE A 47 -8.50 -32.09 5.64
N TYR A 48 -9.63 -32.72 5.28
CA TYR A 48 -10.56 -32.17 4.32
C TYR A 48 -12.01 -32.14 4.81
N ASP A 49 -12.28 -32.66 6.00
CA ASP A 49 -13.64 -32.70 6.55
C ASP A 49 -13.56 -32.97 8.06
N MET A 50 -14.73 -33.10 8.67
CA MET A 50 -14.79 -33.29 10.12
C MET A 50 -14.16 -34.61 10.53
N ASN A 51 -14.55 -35.71 9.89
CA ASN A 51 -14.03 -37.02 10.28
C ASN A 51 -12.51 -37.10 10.09
N SER A 52 -11.99 -36.60 8.96
CA SER A 52 -10.55 -36.66 8.80
C SER A 52 -9.83 -35.77 9.81
N LEU A 53 -10.47 -34.68 10.25
CA LEU A 53 -9.89 -33.91 11.36
C LEU A 53 -9.79 -34.77 12.60
N MET A 54 -10.84 -35.56 12.88
CA MET A 54 -10.82 -36.43 14.04
C MET A 54 -9.74 -37.51 13.90
N MET A 55 -9.52 -38.00 12.69
CA MET A 55 -8.47 -38.98 12.49
C MET A 55 -7.10 -38.32 12.54
N GLY A 56 -7.02 -37.04 12.16
CA GLY A 56 -5.76 -36.32 12.13
C GLY A 56 -5.16 -36.07 13.50
N GLU A 57 -6.01 -35.81 14.50
CA GLU A 57 -5.51 -35.62 15.86
C GLU A 57 -4.95 -36.91 16.44
N ASP A 58 -5.51 -38.07 16.04
CA ASP A 58 -4.99 -39.36 16.47
C ASP A 58 -3.68 -39.73 15.77
N LYS A 59 -3.38 -39.08 14.64
CA LYS A 59 -2.17 -39.35 13.86
C LYS A 59 -1.08 -38.31 14.13
N ILE A 60 -1.38 -37.03 13.93
CA ILE A 60 -0.40 -35.97 14.13
C ILE A 60 -0.25 -35.65 15.62
N GLU A 74 -16.11 -26.96 19.71
CA GLU A 74 -16.66 -26.84 18.36
C GLU A 74 -15.52 -26.75 17.35
N VAL A 75 -15.74 -27.24 16.12
CA VAL A 75 -14.65 -27.36 15.15
C VAL A 75 -14.07 -25.98 14.81
N ALA A 76 -14.92 -25.05 14.35
CA ALA A 76 -14.41 -23.78 13.83
C ALA A 76 -13.64 -23.02 14.90
N ILE A 77 -14.07 -23.11 16.16
CA ILE A 77 -13.33 -22.51 17.26
C ILE A 77 -12.01 -23.24 17.46
N ARG A 78 -12.05 -24.57 17.43
CA ARG A 78 -10.82 -25.36 17.61
C ARG A 78 -9.79 -25.01 16.55
N ILE A 79 -10.23 -24.90 15.29
CA ILE A 79 -9.32 -24.50 14.21
C ILE A 79 -8.84 -23.07 14.44
N PHE A 80 -9.77 -22.15 14.74
CA PHE A 80 -9.34 -20.77 14.96
C PHE A 80 -8.32 -20.70 16.09
N GLN A 81 -8.55 -21.42 17.19
CA GLN A 81 -7.58 -21.40 18.28
C GLN A 81 -6.25 -22.02 17.87
N GLY A 82 -6.27 -23.04 17.01
CA GLY A 82 -5.03 -23.58 16.48
C GLY A 82 -4.22 -22.55 15.70
N CYS A 83 -4.91 -21.71 14.91
CA CYS A 83 -4.24 -20.62 14.21
C CYS A 83 -3.67 -19.60 15.20
N GLN A 84 -4.37 -19.36 16.31
CA GLN A 84 -3.87 -18.44 17.33
C GLN A 84 -2.58 -18.95 17.94
N PHE A 85 -2.55 -20.23 18.32
CA PHE A 85 -1.36 -20.83 18.89
C PHE A 85 -0.18 -20.72 17.94
N ARG A 86 -0.39 -21.05 16.66
CA ARG A 86 0.70 -20.99 15.70
C ARG A 86 1.17 -19.56 15.47
N SER A 87 0.23 -18.61 15.45
CA SER A 87 0.61 -17.21 15.26
C SER A 87 1.49 -16.71 16.40
N VAL A 88 1.18 -17.12 17.63
CA VAL A 88 2.02 -16.76 18.76
C VAL A 88 3.41 -17.34 18.59
N GLU A 89 3.49 -18.60 18.17
CA GLU A 89 4.78 -19.20 17.84
C GLU A 89 5.48 -18.41 16.74
N ALA A 90 4.73 -17.99 15.71
CA ALA A 90 5.37 -17.25 14.63
C ALA A 90 5.96 -15.93 15.14
N VAL A 91 5.22 -15.22 15.99
CA VAL A 91 5.72 -13.96 16.57
C VAL A 91 7.04 -14.20 17.27
N GLN A 92 7.12 -15.29 18.03
CA GLN A 92 8.35 -15.61 18.75
C GLN A 92 9.51 -15.82 17.80
N GLU A 93 9.26 -16.54 16.69
CA GLU A 93 10.31 -16.80 15.71
C GLU A 93 10.70 -15.52 14.98
N ILE A 94 9.70 -14.76 14.52
CA ILE A 94 9.97 -13.50 13.86
C ILE A 94 10.77 -12.59 14.77
N THR A 95 10.44 -12.56 16.07
CA THR A 95 11.15 -11.69 17.01
C THR A 95 12.60 -12.11 17.16
N GLU A 96 12.84 -13.42 17.19
CA GLU A 96 14.21 -13.91 17.27
C GLU A 96 14.99 -13.53 16.01
N TYR A 97 14.36 -13.68 14.85
CA TYR A 97 14.98 -13.27 13.60
C TYR A 97 15.30 -11.79 13.59
N ALA A 98 14.35 -10.95 14.04
CA ALA A 98 14.57 -9.50 14.03
C ALA A 98 15.82 -9.11 14.82
N LYS A 99 16.06 -9.78 15.95
CA LYS A 99 17.21 -9.42 16.77
C LYS A 99 18.51 -9.56 15.99
N SER A 100 18.53 -10.46 14.99
CA SER A 100 19.72 -10.72 14.20
C SER A 100 19.91 -9.71 13.07
N ILE A 101 18.93 -8.86 12.76
CA ILE A 101 19.11 -7.87 11.70
C ILE A 101 20.10 -6.79 12.15
N PRO A 102 21.24 -6.62 11.47
CA PRO A 102 22.24 -5.64 11.94
C PRO A 102 21.62 -4.28 12.19
N GLY A 103 21.81 -3.78 13.42
CA GLY A 103 21.34 -2.48 13.82
C GLY A 103 20.03 -2.51 14.59
N PHE A 104 19.26 -3.59 14.49
CA PHE A 104 17.92 -3.58 15.10
C PHE A 104 18.01 -3.46 16.63
N VAL A 105 18.81 -4.30 17.29
CA VAL A 105 18.87 -4.23 18.75
C VAL A 105 19.55 -2.97 19.25
N ASN A 106 20.26 -2.23 18.38
CA ASN A 106 20.87 -0.96 18.81
C ASN A 106 19.89 0.21 18.78
N LEU A 107 18.71 0.03 18.20
CA LEU A 107 17.71 1.07 18.15
C LEU A 107 17.14 1.32 19.54
N ASP A 108 16.59 2.51 19.72
CA ASP A 108 15.74 2.82 20.87
C ASP A 108 14.72 1.71 21.13
N LEU A 109 14.56 1.36 22.41
CA LEU A 109 13.80 0.16 22.77
C LEU A 109 12.33 0.28 22.38
N ASN A 110 11.74 1.46 22.60
CA ASN A 110 10.35 1.68 22.22
C ASN A 110 10.14 1.48 20.73
N ASP A 111 11.11 1.89 19.92
CA ASP A 111 10.99 1.71 18.48
C ASP A 111 11.10 0.23 18.09
N GLN A 112 12.00 -0.50 18.76
CA GLN A 112 12.07 -1.94 18.56
C GLN A 112 10.71 -2.56 18.78
N VAL A 113 10.05 -2.21 19.88
CA VAL A 113 8.71 -2.73 20.15
C VAL A 113 7.76 -2.34 19.04
N THR A 114 7.78 -1.06 18.66
CA THR A 114 6.88 -0.54 17.63
C THR A 114 7.06 -1.23 16.28
N LEU A 115 8.31 -1.42 15.86
CA LEU A 115 8.56 -2.07 14.57
C LEU A 115 7.98 -3.48 14.55
N LEU A 116 8.11 -4.20 15.67
CA LEU A 116 7.59 -5.55 15.79
C LEU A 116 6.06 -5.54 15.81
N LYS A 117 5.48 -4.67 16.64
CA LYS A 117 4.03 -4.57 16.76
C LYS A 117 3.36 -4.47 15.39
N TYR A 118 3.90 -3.62 14.52
CA TYR A 118 3.32 -3.38 13.20
C TYR A 118 3.89 -4.31 12.13
N GLY A 119 4.95 -5.05 12.42
CA GLY A 119 5.54 -5.81 11.35
C GLY A 119 5.19 -7.29 11.37
N VAL A 120 4.90 -7.83 12.56
CA VAL A 120 4.79 -9.27 12.69
C VAL A 120 3.64 -9.82 11.85
N HIS A 121 2.50 -9.11 11.81
CA HIS A 121 1.36 -9.65 11.05
C HIS A 121 1.62 -9.68 9.56
N GLU A 122 2.25 -8.64 9.03
CA GLU A 122 2.60 -8.61 7.62
C GLU A 122 3.59 -9.71 7.28
N ILE A 123 4.47 -10.04 8.22
CA ILE A 123 5.46 -11.09 8.01
C ILE A 123 4.81 -12.46 8.11
N ILE A 124 3.88 -12.63 9.05
CA ILE A 124 3.18 -13.90 9.19
C ILE A 124 2.46 -14.25 7.90
N TYR A 125 1.75 -13.28 7.31
CA TYR A 125 1.05 -13.53 6.06
C TYR A 125 2.02 -13.90 4.94
N THR A 126 3.17 -13.21 4.89
CA THR A 126 4.18 -13.47 3.86
C THR A 126 4.68 -14.91 3.95
N MET A 127 4.96 -15.37 5.16
CA MET A 127 5.57 -16.67 5.35
C MET A 127 4.52 -17.77 5.29
N LEU A 128 3.26 -17.42 5.60
CA LEU A 128 2.16 -18.36 5.45
C LEU A 128 1.98 -18.76 3.99
N ALA A 129 2.20 -17.82 3.06
CA ALA A 129 2.15 -18.13 1.64
C ALA A 129 3.12 -19.26 1.28
N SER A 130 4.26 -19.35 1.96
CA SER A 130 5.21 -20.44 1.72
C SER A 130 4.61 -21.81 1.99
N LEU A 131 3.64 -21.89 2.91
CA LEU A 131 3.03 -23.16 3.29
C LEU A 131 1.78 -23.47 2.49
N MET A 132 1.42 -22.65 1.51
CA MET A 132 0.17 -22.82 0.77
C MET A 132 0.41 -23.09 -0.71
N ASN A 133 -0.53 -23.80 -1.31
CA ASN A 133 -0.76 -23.72 -2.75
C ASN A 133 -2.22 -23.34 -2.91
N LYS A 134 -2.75 -23.49 -4.12
CA LYS A 134 -4.13 -23.07 -4.31
C LYS A 134 -5.15 -23.97 -3.60
N ASP A 135 -4.75 -25.16 -3.11
CA ASP A 135 -5.69 -26.14 -2.56
C ASP A 135 -5.67 -26.26 -1.04
N GLY A 136 -4.66 -25.73 -0.35
CA GLY A 136 -4.64 -25.78 1.10
C GLY A 136 -3.32 -25.30 1.66
N VAL A 137 -3.15 -25.54 2.97
CA VAL A 137 -2.02 -25.03 3.74
C VAL A 137 -1.45 -26.15 4.61
N LEU A 138 -0.12 -26.22 4.68
CA LEU A 138 0.56 -27.14 5.61
C LEU A 138 0.38 -26.67 7.04
N ILE A 139 0.28 -27.63 7.96
CA ILE A 139 0.14 -27.34 9.38
C ILE A 139 1.01 -28.31 10.18
N SER A 140 1.23 -27.95 11.45
CA SER A 140 1.98 -28.78 12.39
C SER A 140 3.35 -29.18 11.79
N GLU A 141 4.14 -28.16 11.48
CA GLU A 141 5.48 -28.32 10.90
C GLU A 141 5.48 -29.25 9.68
N GLY A 142 4.48 -29.12 8.83
CA GLY A 142 4.46 -29.84 7.58
C GLY A 142 3.86 -31.23 7.63
N GLN A 143 3.49 -31.72 8.83
CA GLN A 143 2.95 -33.07 8.97
C GLN A 143 1.52 -33.17 8.48
N GLY A 144 0.76 -32.06 8.56
CA GLY A 144 -0.61 -32.04 8.11
C GLY A 144 -0.78 -31.11 6.93
N PHE A 145 -1.93 -31.23 6.28
CA PHE A 145 -2.34 -30.35 5.19
C PHE A 145 -3.85 -30.22 5.28
N MET A 146 -4.33 -28.99 5.49
CA MET A 146 -5.74 -28.68 5.64
C MET A 146 -6.22 -28.02 4.35
N THR A 147 -7.30 -28.53 3.76
CA THR A 147 -7.71 -28.02 2.45
C THR A 147 -8.32 -26.63 2.58
N ARG A 148 -8.16 -25.83 1.52
CA ARG A 148 -8.77 -24.51 1.46
C ARG A 148 -10.29 -24.60 1.51
N GLU A 149 -10.86 -25.57 0.78
CA GLU A 149 -12.30 -25.74 0.73
C GLU A 149 -12.88 -25.98 2.11
N PHE A 150 -12.21 -26.82 2.92
CA PHE A 150 -12.67 -27.08 4.27
C PHE A 150 -12.67 -25.80 5.10
N LEU A 151 -11.59 -25.02 5.03
CA LEU A 151 -11.51 -23.76 5.77
C LEU A 151 -12.56 -22.77 5.30
N LYS A 152 -12.68 -22.58 3.98
CA LYS A 152 -13.71 -21.72 3.42
C LYS A 152 -15.11 -22.11 3.86
N SER A 153 -15.33 -23.37 4.25
CA SER A 153 -16.68 -23.84 4.60
C SER A 153 -16.98 -23.80 6.09
N LEU A 154 -16.08 -23.30 6.92
CA LEU A 154 -16.38 -23.18 8.34
C LEU A 154 -17.54 -22.18 8.56
N ARG A 155 -18.26 -22.35 9.67
CA ARG A 155 -19.49 -21.61 9.88
C ARG A 155 -19.21 -20.13 10.16
N LYS A 156 -20.31 -19.37 10.32
CA LYS A 156 -20.45 -17.96 10.71
C LYS A 156 -19.28 -17.14 10.15
N PRO A 157 -18.49 -16.34 10.89
CA PRO A 157 -17.47 -15.55 10.19
C PRO A 157 -16.16 -16.28 9.97
N PHE A 158 -15.99 -17.48 10.54
CA PHE A 158 -14.69 -18.16 10.50
C PHE A 158 -14.35 -18.67 9.10
N GLY A 159 -15.36 -19.13 8.35
CA GLY A 159 -15.11 -19.54 6.98
C GLY A 159 -14.43 -18.46 6.16
N ASP A 160 -14.99 -17.26 6.18
CA ASP A 160 -14.42 -16.13 5.45
C ASP A 160 -13.15 -15.57 6.08
N PHE A 161 -12.79 -15.97 7.30
CA PHE A 161 -11.55 -15.46 7.91
C PHE A 161 -10.32 -16.14 7.33
N MET A 162 -10.46 -17.39 6.94
CA MET A 162 -9.33 -18.20 6.50
C MET A 162 -8.92 -17.89 5.06
N GLU A 163 -9.90 -17.58 4.20
CA GLU A 163 -9.76 -17.52 2.73
C GLU A 163 -8.92 -16.36 2.18
N PRO A 164 -9.07 -15.11 2.66
CA PRO A 164 -8.20 -14.01 2.15
C PRO A 164 -6.71 -14.30 2.22
N LYS A 165 -6.26 -15.08 3.22
CA LYS A 165 -4.87 -15.53 3.26
C LYS A 165 -4.51 -16.28 1.98
N PHE A 166 -5.41 -17.16 1.52
CA PHE A 166 -5.17 -17.94 0.30
C PHE A 166 -5.10 -17.06 -0.93
N GLU A 167 -5.97 -16.05 -1.01
CA GLU A 167 -6.02 -15.17 -2.18
C GLU A 167 -4.72 -14.39 -2.33
N PHE A 168 -4.16 -13.91 -1.23
CA PHE A 168 -2.83 -13.30 -1.30
C PHE A 168 -1.77 -14.32 -1.70
N ALA A 169 -1.78 -15.51 -1.08
CA ALA A 169 -0.69 -16.46 -1.25
C ALA A 169 -0.53 -16.89 -2.71
N VAL A 170 -1.65 -17.11 -3.42
CA VAL A 170 -1.56 -17.55 -4.81
C VAL A 170 -0.89 -16.49 -5.66
N LYS A 171 -1.26 -15.22 -5.46
CA LYS A 171 -0.60 -14.11 -6.14
C LYS A 171 0.86 -14.00 -5.70
N PHE A 172 1.13 -14.04 -4.39
CA PHE A 172 2.50 -13.84 -3.93
C PHE A 172 3.42 -14.96 -4.41
N ASN A 173 2.93 -16.20 -4.42
CA ASN A 173 3.75 -17.33 -4.83
C ASN A 173 4.07 -17.29 -6.32
N ALA A 174 3.28 -16.57 -7.11
CA ALA A 174 3.60 -16.44 -8.53
C ALA A 174 4.92 -15.70 -8.75
N LEU A 175 5.41 -14.97 -7.75
CA LEU A 175 6.73 -14.34 -7.87
C LEU A 175 7.86 -15.34 -7.79
N GLU A 176 7.59 -16.56 -7.28
CA GLU A 176 8.60 -17.62 -7.21
C GLU A 176 9.82 -17.23 -6.36
N LEU A 177 9.57 -16.56 -5.24
CA LEU A 177 10.68 -16.26 -4.34
C LEU A 177 11.17 -17.54 -3.66
N ASP A 178 12.46 -17.58 -3.36
CA ASP A 178 12.97 -18.61 -2.47
C ASP A 178 13.37 -17.98 -1.13
N ASP A 179 13.89 -18.81 -0.22
CA ASP A 179 14.12 -18.37 1.16
C ASP A 179 15.19 -17.27 1.24
N SER A 180 16.26 -17.36 0.44
CA SER A 180 17.27 -16.32 0.47
C SER A 180 16.68 -14.96 0.08
N ASP A 181 15.70 -14.94 -0.83
CA ASP A 181 14.97 -13.71 -1.13
C ASP A 181 14.13 -13.27 0.07
N LEU A 182 13.35 -14.20 0.62
CA LEU A 182 12.37 -13.86 1.65
C LEU A 182 13.06 -13.35 2.90
N ALA A 183 14.26 -13.87 3.19
CA ALA A 183 15.01 -13.40 4.35
C ALA A 183 15.23 -11.89 4.28
N ILE A 184 15.69 -11.38 3.14
CA ILE A 184 15.89 -9.93 3.04
C ILE A 184 14.56 -9.19 3.01
N PHE A 185 13.59 -9.70 2.25
CA PHE A 185 12.28 -9.07 2.17
C PHE A 185 11.65 -8.89 3.56
N ILE A 186 11.70 -9.96 4.38
CA ILE A 186 11.13 -9.90 5.72
C ILE A 186 11.83 -8.81 6.56
N ALA A 187 13.15 -8.73 6.45
CA ALA A 187 13.89 -7.70 7.19
C ALA A 187 13.48 -6.31 6.77
N VAL A 188 13.24 -6.11 5.46
CA VAL A 188 12.84 -4.79 4.96
C VAL A 188 11.52 -4.37 5.59
N ILE A 189 10.58 -5.32 5.73
CA ILE A 189 9.28 -5.02 6.30
C ILE A 189 9.43 -4.56 7.75
N ILE A 190 10.26 -5.27 8.52
CA ILE A 190 10.44 -4.90 9.92
C ILE A 190 11.00 -3.49 10.04
N LEU A 191 12.02 -3.16 9.24
CA LEU A 191 12.71 -1.87 9.39
C LEU A 191 12.00 -0.78 8.58
N SER A 192 10.72 -0.60 8.85
CA SER A 192 9.90 0.40 8.18
C SER A 192 9.81 1.65 9.03
N GLY A 193 10.43 2.74 8.57
CA GLY A 193 10.43 3.99 9.29
C GLY A 193 9.13 4.78 9.26
N ASP A 194 8.09 4.24 8.66
CA ASP A 194 6.81 4.91 8.53
C ASP A 194 5.75 4.32 9.48
N ARG A 195 6.15 3.43 10.38
CA ARG A 195 5.23 2.89 11.37
C ARG A 195 4.78 3.99 12.32
N PRO A 196 3.54 3.92 12.81
CA PRO A 196 3.05 4.95 13.74
C PRO A 196 3.82 4.93 15.05
N GLY A 197 4.23 6.12 15.50
CA GLY A 197 4.81 6.34 16.81
C GLY A 197 6.31 6.14 16.95
N LEU A 198 7.04 5.96 15.85
CA LEU A 198 8.48 5.81 15.92
C LEU A 198 9.13 7.10 16.43
N LEU A 199 10.14 6.95 17.28
CA LEU A 199 10.79 8.13 17.84
C LEU A 199 11.95 8.63 16.98
N ASN A 200 12.75 7.72 16.40
CA ASN A 200 13.95 8.09 15.64
C ASN A 200 13.86 7.40 14.27
N VAL A 201 13.22 8.07 13.30
CA VAL A 201 12.99 7.46 11.99
C VAL A 201 14.30 7.32 11.21
N LYS A 202 15.20 8.29 11.34
CA LYS A 202 16.44 8.28 10.58
C LYS A 202 17.25 7.00 10.75
N PRO A 203 17.57 6.54 11.96
CA PRO A 203 18.38 5.31 12.04
C PRO A 203 17.66 4.10 11.51
N ILE A 204 16.33 4.07 11.55
CA ILE A 204 15.59 2.96 10.94
C ILE A 204 15.71 3.02 9.42
N GLU A 205 15.49 4.21 8.82
CA GLU A 205 15.57 4.33 7.37
C GLU A 205 16.97 4.04 6.83
N ASP A 206 18.02 4.38 7.60
CA ASP A 206 19.38 4.03 7.17
C ASP A 206 19.55 2.53 7.07
N ILE A 207 19.01 1.80 8.06
CA ILE A 207 19.13 0.36 8.00
C ILE A 207 18.34 -0.19 6.82
N GLN A 208 17.11 0.32 6.62
CA GLN A 208 16.30 -0.18 5.51
C GLN A 208 16.99 0.09 4.17
N ASP A 209 17.60 1.28 4.01
CA ASP A 209 18.31 1.59 2.75
C ASP A 209 19.36 0.54 2.42
N ASN A 210 20.11 0.07 3.43
CA ASN A 210 21.03 -1.04 3.19
C ASN A 210 20.28 -2.30 2.84
N LEU A 211 19.23 -2.60 3.60
CA LEU A 211 18.43 -3.80 3.37
C LEU A 211 17.78 -3.75 1.99
N LEU A 212 17.28 -2.57 1.60
CA LEU A 212 16.70 -2.40 0.26
C LEU A 212 17.76 -2.61 -0.81
N GLN A 213 18.93 -1.98 -0.63
CA GLN A 213 20.07 -2.23 -1.50
C GLN A 213 20.39 -3.71 -1.58
N ALA A 214 20.36 -4.39 -0.41
CA ALA A 214 20.69 -5.81 -0.40
C ALA A 214 19.63 -6.61 -1.16
N LEU A 215 18.36 -6.27 -1.01
CA LEU A 215 17.29 -7.00 -1.69
C LEU A 215 17.40 -6.82 -3.20
N GLU A 216 17.61 -5.59 -3.64
CA GLU A 216 17.70 -5.29 -5.07
C GLU A 216 18.78 -6.13 -5.73
N LEU A 217 20.00 -6.11 -5.16
CA LEU A 217 21.09 -6.92 -5.70
C LEU A 217 20.76 -8.41 -5.66
N GLN A 218 20.19 -8.88 -4.55
CA GLN A 218 19.84 -10.29 -4.43
C GLN A 218 18.86 -10.74 -5.51
N LEU A 219 17.82 -9.94 -5.75
CA LEU A 219 16.85 -10.34 -6.76
C LEU A 219 17.44 -10.28 -8.16
N LYS A 220 18.33 -9.31 -8.40
CA LYS A 220 18.98 -9.23 -9.71
C LYS A 220 19.81 -10.47 -10.00
N LEU A 221 20.55 -10.97 -9.00
CA LEU A 221 21.47 -12.08 -9.20
C LEU A 221 20.74 -13.42 -9.27
N ASN A 222 19.67 -13.58 -8.48
CA ASN A 222 18.96 -14.83 -8.31
C ASN A 222 17.79 -14.98 -9.28
N HIS A 223 17.31 -13.88 -9.86
CA HIS A 223 16.22 -13.88 -10.84
C HIS A 223 16.57 -12.93 -11.99
N PRO A 224 17.65 -13.19 -12.72
CA PRO A 224 18.10 -12.25 -13.74
C PRO A 224 17.13 -12.08 -14.89
N GLU A 225 16.27 -13.06 -15.14
CA GLU A 225 15.28 -12.98 -16.20
C GLU A 225 13.94 -12.46 -15.71
N SER A 226 13.85 -12.06 -14.44
CA SER A 226 12.59 -11.62 -13.85
C SER A 226 12.62 -10.09 -13.76
N SER A 227 12.26 -9.45 -14.88
CA SER A 227 12.38 -8.00 -15.01
C SER A 227 11.54 -7.29 -13.94
N GLN A 228 12.15 -6.31 -13.27
CA GLN A 228 11.48 -5.44 -12.29
C GLN A 228 10.82 -6.25 -11.17
N LEU A 229 11.39 -7.41 -10.82
CA LEU A 229 10.86 -8.15 -9.68
C LEU A 229 11.05 -7.36 -8.39
N PHE A 230 12.13 -6.59 -8.29
CA PHE A 230 12.31 -5.72 -7.13
C PHE A 230 11.09 -4.82 -6.93
N ALA A 231 10.75 -4.04 -7.96
CA ALA A 231 9.57 -3.19 -7.89
C ALA A 231 8.29 -3.99 -7.65
N LYS A 232 8.11 -5.13 -8.33
CA LYS A 232 6.87 -5.89 -8.17
C LYS A 232 6.77 -6.44 -6.75
N LEU A 233 7.89 -6.86 -6.19
CA LEU A 233 7.89 -7.35 -4.81
C LEU A 233 7.56 -6.25 -3.81
N LEU A 234 8.07 -5.02 -4.01
CA LEU A 234 7.72 -3.91 -3.11
C LEU A 234 6.24 -3.57 -3.21
N GLN A 235 5.68 -3.63 -4.43
CA GLN A 235 4.25 -3.40 -4.61
C GLN A 235 3.42 -4.42 -3.84
N LYS A 236 3.97 -5.60 -3.57
CA LYS A 236 3.28 -6.61 -2.75
C LYS A 236 3.15 -6.20 -1.29
N MET A 237 4.03 -5.30 -0.81
CA MET A 237 3.86 -4.74 0.52
C MET A 237 2.55 -3.97 0.64
N THR A 238 1.96 -3.55 -0.48
CA THR A 238 0.62 -2.98 -0.44
C THR A 238 -0.44 -4.03 -0.12
N ASP A 239 -0.44 -5.16 -0.86
CA ASP A 239 -1.40 -6.22 -0.57
C ASP A 239 -1.33 -6.67 0.88
N LEU A 240 -0.10 -6.74 1.44
CA LEU A 240 0.05 -7.13 2.84
C LEU A 240 -0.68 -6.16 3.76
N ARG A 241 -0.44 -4.87 3.56
CA ARG A 241 -1.03 -3.87 4.44
C ARG A 241 -2.55 -3.96 4.46
N GLN A 242 -3.16 -4.18 3.30
CA GLN A 242 -4.62 -4.23 3.21
C GLN A 242 -5.17 -5.44 3.95
N ILE A 243 -4.53 -6.60 3.80
CA ILE A 243 -5.07 -7.82 4.39
C ILE A 243 -4.88 -7.85 5.91
N VAL A 244 -3.81 -7.23 6.43
CA VAL A 244 -3.69 -7.08 7.88
C VAL A 244 -4.85 -6.26 8.43
N THR A 245 -5.24 -5.21 7.71
CA THR A 245 -6.35 -4.36 8.14
C THR A 245 -7.66 -5.12 8.15
N GLU A 246 -7.96 -5.80 7.04
CA GLU A 246 -9.15 -6.64 6.97
C GLU A 246 -9.12 -7.69 8.07
N HIS A 247 -7.93 -8.24 8.37
CA HIS A 247 -7.81 -9.23 9.44
C HIS A 247 -8.21 -8.63 10.79
N VAL A 248 -7.62 -7.49 11.13
CA VAL A 248 -7.90 -6.85 12.41
C VAL A 248 -9.40 -6.56 12.55
N GLN A 249 -10.02 -6.06 11.48
CA GLN A 249 -11.46 -5.82 11.51
C GLN A 249 -12.26 -7.11 11.71
N LEU A 250 -11.78 -8.23 11.19
CA LEU A 250 -12.54 -9.47 11.39
C LEU A 250 -12.45 -9.94 12.84
N LEU A 251 -11.26 -9.83 13.43
CA LEU A 251 -11.10 -10.19 14.84
C LEU A 251 -12.00 -9.37 15.74
N GLN A 252 -12.08 -8.06 15.52
CA GLN A 252 -12.95 -7.21 16.33
C GLN A 252 -14.40 -7.69 16.28
N VAL A 253 -14.87 -8.12 15.10
CA VAL A 253 -16.23 -8.62 14.99
C VAL A 253 -16.39 -9.94 15.73
N ILE A 254 -15.40 -10.82 15.63
CA ILE A 254 -15.46 -12.13 16.27
C ILE A 254 -15.47 -11.98 17.78
N LYS A 255 -14.70 -11.04 18.31
CA LYS A 255 -14.68 -10.77 19.75
C LYS A 255 -16.07 -10.39 20.26
N LYS A 256 -16.77 -9.50 19.55
CA LYS A 256 -18.07 -9.04 20.02
C LYS A 256 -19.12 -10.14 20.02
N THR A 257 -18.90 -11.21 19.26
CA THR A 257 -19.84 -12.33 19.23
C THR A 257 -19.41 -13.47 20.15
N GLU A 258 -18.12 -13.81 20.13
CA GLU A 258 -17.59 -14.98 20.82
C GLU A 258 -16.83 -14.56 22.08
N THR A 259 -17.24 -15.11 23.23
CA THR A 259 -16.43 -15.07 24.44
C THR A 259 -15.71 -16.38 24.69
N ASP A 260 -16.17 -17.45 24.06
CA ASP A 260 -15.57 -18.77 24.17
C ASP A 260 -14.15 -18.78 23.61
N MET A 261 -13.61 -17.62 23.29
CA MET A 261 -12.21 -17.51 22.93
C MET A 261 -11.61 -16.26 23.55
N SER A 262 -10.52 -16.45 24.28
CA SER A 262 -9.60 -15.38 24.65
C SER A 262 -8.44 -15.38 23.66
N LEU A 263 -7.65 -14.31 23.68
CA LEU A 263 -6.45 -14.26 22.86
C LEU A 263 -5.21 -14.28 23.76
N HIS A 264 -4.14 -14.83 23.20
CA HIS A 264 -2.85 -14.87 23.87
C HIS A 264 -2.38 -13.44 24.18
N PRO A 265 -1.78 -13.20 25.35
CA PRO A 265 -1.41 -11.81 25.69
C PRO A 265 -0.50 -11.16 24.66
N LEU A 266 0.37 -11.95 24.01
CA LEU A 266 1.24 -11.41 22.98
C LEU A 266 0.44 -10.90 21.79
N LEU A 267 -0.56 -11.66 21.36
CA LEU A 267 -1.44 -11.20 20.28
C LEU A 267 -2.33 -10.04 20.75
N GLN A 268 -2.83 -10.14 21.99
CA GLN A 268 -3.63 -9.07 22.57
C GLN A 268 -2.94 -7.71 22.46
N GLU A 269 -1.65 -7.66 22.75
CA GLU A 269 -0.95 -6.39 22.77
C GLU A 269 -0.68 -5.87 21.36
N ILE A 270 -0.34 -6.76 20.43
CA ILE A 270 -0.06 -6.34 19.05
C ILE A 270 -1.22 -5.55 18.47
N TYR A 271 -2.47 -5.95 18.80
CA TYR A 271 -3.64 -5.32 18.20
C TYR A 271 -4.08 -4.05 18.92
N LYS A 272 -3.52 -3.75 20.09
CA LYS A 272 -3.91 -2.57 20.84
C LYS A 272 -3.61 -1.32 20.01
N ASP A 273 -4.66 -0.60 19.64
CA ASP A 273 -4.56 0.64 18.85
C ASP A 273 -3.72 0.46 17.59
N LEU A 274 -3.95 -0.66 16.89
CA LEU A 274 -3.20 -0.93 15.66
C LEU A 274 -3.74 -0.07 14.51
N GLU B 5 19.06 0.15 -24.26
CA GLU B 5 17.72 0.72 -24.15
C GLU B 5 17.63 1.90 -23.19
N SER B 6 18.77 2.30 -22.64
CA SER B 6 18.79 3.45 -21.72
C SER B 6 18.16 4.68 -22.37
N ALA B 7 18.62 5.01 -23.58
CA ALA B 7 18.10 6.18 -24.29
C ALA B 7 16.61 6.07 -24.58
N ASP B 8 16.08 4.84 -24.70
CA ASP B 8 14.64 4.66 -24.89
C ASP B 8 13.87 5.05 -23.64
N LEU B 9 14.45 4.75 -22.47
CA LEU B 9 13.82 5.15 -21.21
C LEU B 9 13.80 6.67 -21.07
N ARG B 10 14.91 7.34 -21.42
CA ARG B 10 14.93 8.80 -21.39
C ARG B 10 13.89 9.37 -22.34
N ALA B 11 13.72 8.74 -23.51
CA ALA B 11 12.66 9.17 -24.43
C ALA B 11 11.30 9.03 -23.79
N LEU B 12 11.04 7.90 -23.14
CA LEU B 12 9.74 7.71 -22.51
C LEU B 12 9.52 8.74 -21.40
N ALA B 13 10.58 9.01 -20.60
CA ALA B 13 10.49 10.05 -19.57
C ALA B 13 10.26 11.43 -20.18
N LYS B 14 10.97 11.78 -21.27
CA LYS B 14 10.72 13.06 -21.91
C LYS B 14 9.32 13.13 -22.49
N HIS B 15 8.86 12.06 -23.13
CA HIS B 15 7.51 12.04 -23.69
C HIS B 15 6.48 12.32 -22.60
N LEU B 16 6.59 11.62 -21.46
CA LEU B 16 5.60 11.76 -20.41
C LEU B 16 5.66 13.13 -19.75
N TYR B 17 6.87 13.67 -19.56
CA TYR B 17 6.98 15.01 -18.99
C TYR B 17 6.29 16.05 -19.87
N ASP B 18 6.54 16.01 -21.18
CA ASP B 18 5.93 16.97 -22.09
C ASP B 18 4.41 16.89 -22.06
N SER B 19 3.85 15.69 -22.03
CA SER B 19 2.40 15.54 -22.00
C SER B 19 1.83 15.95 -20.65
N TYR B 20 2.55 15.64 -19.57
CA TYR B 20 2.17 16.06 -18.22
C TYR B 20 2.03 17.58 -18.13
N ILE B 21 2.95 18.31 -18.76
CA ILE B 21 2.89 19.77 -18.74
C ILE B 21 1.65 20.28 -19.46
N LYS B 22 1.33 19.73 -20.62
CA LYS B 22 0.17 20.22 -21.38
C LYS B 22 -1.14 19.82 -20.72
N SER B 23 -1.16 18.72 -19.96
CA SER B 23 -2.41 18.17 -19.44
C SER B 23 -2.87 18.87 -18.16
N PHE B 24 -1.97 19.40 -17.37
CA PHE B 24 -2.42 19.84 -16.06
C PHE B 24 -2.28 21.36 -15.92
N PRO B 25 -3.27 22.03 -15.34
CA PRO B 25 -3.25 23.50 -15.40
C PRO B 25 -2.13 24.14 -14.60
N LEU B 26 -1.82 23.62 -13.42
CA LEU B 26 -0.81 24.22 -12.54
C LEU B 26 0.25 23.18 -12.19
N THR B 27 1.47 23.35 -12.68
CA THR B 27 2.52 22.36 -12.42
C THR B 27 3.05 22.51 -10.99
N LYS B 28 3.78 21.48 -10.53
CA LYS B 28 4.36 21.58 -9.19
C LYS B 28 5.40 22.70 -9.12
N ALA B 29 6.22 22.83 -10.18
CA ALA B 29 7.21 23.90 -10.24
C ALA B 29 6.57 25.28 -10.05
N LYS B 30 5.48 25.55 -10.77
CA LYS B 30 4.83 26.84 -10.61
C LYS B 30 4.19 26.97 -9.24
N ALA B 31 3.57 25.88 -8.73
CA ALA B 31 2.94 25.96 -7.41
C ALA B 31 3.95 26.28 -6.33
N ARG B 32 5.16 25.69 -6.39
CA ARG B 32 6.17 25.92 -5.36
C ARG B 32 6.62 27.38 -5.38
N ALA B 33 6.72 27.97 -6.57
CA ALA B 33 7.05 29.39 -6.66
C ALA B 33 6.00 30.25 -5.96
N ILE B 34 4.72 29.87 -6.07
CA ILE B 34 3.68 30.63 -5.38
C ILE B 34 3.75 30.41 -3.88
N LEU B 35 3.88 29.15 -3.43
CA LEU B 35 3.83 28.89 -2.00
C LEU B 35 5.00 29.56 -1.27
N THR B 36 6.19 29.55 -1.87
CA THR B 36 7.39 30.08 -1.25
C THR B 36 7.53 31.59 -1.39
N GLY B 37 6.79 32.22 -2.29
CA GLY B 37 6.84 33.65 -2.43
C GLY B 37 7.88 34.13 -3.42
N LYS B 38 8.12 33.38 -4.49
CA LYS B 38 9.15 33.73 -5.47
C LYS B 38 8.51 33.94 -6.84
N LYS B 42 1.79 39.14 -8.09
CA LYS B 42 1.14 37.89 -8.46
C LYS B 42 0.72 37.13 -7.21
N SER B 43 0.52 37.85 -6.11
CA SER B 43 0.33 37.18 -4.82
C SER B 43 -1.11 36.68 -4.68
N PRO B 44 -1.31 35.41 -4.32
CA PRO B 44 -2.66 34.81 -4.37
C PRO B 44 -3.60 35.34 -3.29
N PHE B 45 -4.89 35.20 -3.56
CA PHE B 45 -5.90 35.57 -2.57
C PHE B 45 -5.99 34.51 -1.48
N VAL B 46 -5.95 34.95 -0.22
CA VAL B 46 -5.85 34.03 0.92
C VAL B 46 -7.21 33.87 1.58
N ILE B 47 -7.63 32.62 1.76
CA ILE B 47 -8.87 32.27 2.44
C ILE B 47 -8.48 31.69 3.79
N TYR B 48 -8.78 32.41 4.87
CA TYR B 48 -8.38 31.95 6.19
C TYR B 48 -9.52 31.91 7.20
N ASP B 49 -10.72 32.33 6.80
CA ASP B 49 -11.88 32.38 7.68
C ASP B 49 -13.14 32.58 6.82
N MET B 50 -14.29 32.77 7.49
CA MET B 50 -15.55 32.91 6.80
C MET B 50 -15.56 34.17 5.92
N ASN B 51 -15.17 35.31 6.50
CA ASN B 51 -15.28 36.56 5.74
C ASN B 51 -14.35 36.59 4.53
N SER B 52 -13.11 36.13 4.68
CA SER B 52 -12.22 36.13 3.52
C SER B 52 -12.73 35.17 2.45
N LEU B 53 -13.44 34.10 2.82
CA LEU B 53 -14.08 33.24 1.80
C LEU B 53 -15.15 34.01 1.03
N MET B 54 -16.00 34.78 1.74
CA MET B 54 -17.07 35.52 1.08
C MET B 54 -16.53 36.55 0.08
N MET B 55 -15.39 37.17 0.39
CA MET B 55 -14.77 38.15 -0.51
C MET B 55 -14.09 37.47 -1.69
N GLY B 56 -13.53 36.28 -1.48
CA GLY B 56 -12.80 35.62 -2.55
C GLY B 56 -13.69 35.13 -3.69
N GLU B 57 -14.87 34.59 -3.36
CA GLU B 57 -15.78 34.21 -4.42
C GLU B 57 -16.40 35.42 -5.09
N ASP B 58 -16.59 36.51 -4.34
CA ASP B 58 -17.11 37.76 -4.90
C ASP B 58 -16.07 38.52 -5.72
N LYS B 59 -14.78 38.30 -5.48
CA LYS B 59 -13.72 39.01 -6.21
C LYS B 59 -13.09 38.15 -7.30
N ILE B 60 -12.48 37.03 -6.93
CA ILE B 60 -11.82 36.18 -7.94
C ILE B 60 -12.78 35.24 -8.65
N LYS B 61 -14.02 35.10 -8.15
CA LYS B 61 -15.07 34.34 -8.82
C LYS B 61 -14.68 32.88 -9.02
N PHE B 62 -14.71 32.14 -7.91
CA PHE B 62 -14.38 30.71 -7.94
C PHE B 62 -15.55 29.95 -8.55
N LYS B 63 -15.31 29.28 -9.68
CA LYS B 63 -16.37 28.59 -10.40
C LYS B 63 -16.77 27.31 -9.67
N HIS B 64 -18.04 27.26 -9.23
CA HIS B 64 -18.73 26.13 -8.58
C HIS B 64 -19.82 26.66 -7.66
N ILE B 65 -19.96 27.99 -7.57
CA ILE B 65 -20.89 28.64 -6.64
C ILE B 65 -22.28 28.63 -7.26
N THR B 66 -23.20 27.86 -6.68
CA THR B 66 -24.50 27.62 -7.32
C THR B 66 -25.63 28.39 -6.63
N SER B 72 -27.14 24.44 -1.12
CA SER B 72 -26.85 24.75 0.28
C SER B 72 -26.18 26.11 0.45
N LYS B 73 -26.39 26.70 1.63
CA LYS B 73 -25.78 27.97 1.99
C LYS B 73 -24.76 27.86 3.10
N GLU B 74 -24.46 26.65 3.60
CA GLU B 74 -23.56 26.48 4.73
C GLU B 74 -22.12 26.41 4.25
N VAL B 75 -21.22 27.00 5.03
CA VAL B 75 -19.84 27.18 4.61
C VAL B 75 -19.13 25.85 4.45
N ALA B 76 -19.15 25.01 5.49
CA ALA B 76 -18.38 23.78 5.44
C ALA B 76 -18.85 22.90 4.27
N ILE B 77 -20.16 22.90 4.00
CA ILE B 77 -20.71 22.12 2.90
C ILE B 77 -20.23 22.66 1.56
N ARG B 78 -20.28 23.99 1.39
CA ARG B 78 -19.88 24.59 0.12
C ARG B 78 -18.42 24.28 -0.23
N ILE B 79 -17.52 24.33 0.77
CA ILE B 79 -16.12 24.01 0.53
C ILE B 79 -15.95 22.56 0.14
N PHE B 80 -16.60 21.66 0.87
CA PHE B 80 -16.50 20.24 0.57
C PHE B 80 -16.96 19.97 -0.87
N GLN B 81 -18.10 20.56 -1.25
CA GLN B 81 -18.61 20.40 -2.60
C GLN B 81 -17.70 21.05 -3.63
N GLY B 82 -17.03 22.15 -3.26
CA GLY B 82 -16.01 22.71 -4.13
C GLY B 82 -14.87 21.74 -4.40
N CYS B 83 -14.49 20.95 -3.38
CA CYS B 83 -13.49 19.92 -3.58
C CYS B 83 -13.98 18.85 -4.54
N GLN B 84 -15.29 18.57 -4.50
CA GLN B 84 -15.91 17.60 -5.41
C GLN B 84 -15.84 18.08 -6.86
N PHE B 85 -16.24 19.32 -7.11
CA PHE B 85 -16.21 19.85 -8.47
C PHE B 85 -14.81 19.80 -9.04
N ARG B 86 -13.80 20.23 -8.26
CA ARG B 86 -12.45 20.29 -8.79
C ARG B 86 -11.91 18.90 -9.12
N SER B 87 -12.26 17.91 -8.30
CA SER B 87 -11.83 16.54 -8.54
C SER B 87 -12.41 16.00 -9.85
N VAL B 88 -13.67 16.35 -10.15
CA VAL B 88 -14.30 15.98 -11.42
C VAL B 88 -13.55 16.60 -12.60
N GLU B 89 -13.14 17.86 -12.49
CA GLU B 89 -12.28 18.44 -13.52
C GLU B 89 -10.97 17.68 -13.65
N ALA B 90 -10.36 17.31 -12.51
CA ALA B 90 -9.08 16.60 -12.55
C ALA B 90 -9.21 15.24 -13.24
N VAL B 91 -10.32 14.53 -13.01
CA VAL B 91 -10.54 13.24 -13.68
C VAL B 91 -10.38 13.39 -15.18
N GLN B 92 -11.00 14.43 -15.77
CA GLN B 92 -10.86 14.62 -17.21
C GLN B 92 -9.42 14.91 -17.57
N GLU B 93 -8.69 15.63 -16.72
CA GLU B 93 -7.29 15.92 -17.04
C GLU B 93 -6.44 14.66 -17.02
N ILE B 94 -6.58 13.83 -15.97
CA ILE B 94 -5.88 12.54 -15.88
C ILE B 94 -6.22 11.65 -17.07
N THR B 95 -7.48 11.66 -17.51
CA THR B 95 -7.93 10.82 -18.61
C THR B 95 -7.24 11.23 -19.90
N GLU B 96 -7.09 12.54 -20.11
CA GLU B 96 -6.35 13.01 -21.27
C GLU B 96 -4.87 12.64 -21.18
N TYR B 97 -4.27 12.82 -20.00
CA TYR B 97 -2.87 12.42 -19.82
C TYR B 97 -2.67 10.93 -20.09
N ALA B 98 -3.58 10.08 -19.59
CA ALA B 98 -3.46 8.63 -19.84
C ALA B 98 -3.36 8.31 -21.33
N LYS B 99 -4.11 9.02 -22.18
CA LYS B 99 -4.08 8.68 -23.61
C LYS B 99 -2.68 8.79 -24.19
N SER B 100 -1.84 9.64 -23.61
CA SER B 100 -0.48 9.84 -24.12
C SER B 100 0.52 8.80 -23.61
N ILE B 101 0.14 7.93 -22.67
CA ILE B 101 1.06 6.92 -22.20
C ILE B 101 1.24 5.87 -23.30
N PRO B 102 2.45 5.64 -23.82
CA PRO B 102 2.62 4.64 -24.90
C PRO B 102 2.01 3.29 -24.55
N GLY B 103 1.08 2.83 -25.40
CA GLY B 103 0.40 1.57 -25.25
C GLY B 103 -0.99 1.64 -24.64
N PHE B 104 -1.34 2.75 -23.95
CA PHE B 104 -2.60 2.78 -23.20
C PHE B 104 -3.82 2.67 -24.11
N VAL B 105 -3.89 3.48 -25.18
CA VAL B 105 -5.08 3.44 -26.03
C VAL B 105 -5.15 2.15 -26.82
N ASN B 106 -4.06 1.40 -26.93
CA ASN B 106 -4.18 0.11 -27.59
C ASN B 106 -4.75 -0.97 -26.68
N LEU B 107 -4.93 -0.66 -25.39
CA LEU B 107 -5.58 -1.63 -24.51
C LEU B 107 -7.07 -1.74 -24.84
N ASP B 108 -7.62 -2.93 -24.58
CA ASP B 108 -9.06 -3.18 -24.55
C ASP B 108 -9.78 -2.02 -23.87
N LEU B 109 -10.88 -1.56 -24.50
CA LEU B 109 -11.50 -0.32 -24.04
C LEU B 109 -12.02 -0.44 -22.62
N ASN B 110 -12.67 -1.58 -22.30
CA ASN B 110 -13.14 -1.79 -20.93
C ASN B 110 -12.00 -1.70 -19.92
N ASP B 111 -10.80 -2.17 -20.28
CA ASP B 111 -9.68 -2.13 -19.35
C ASP B 111 -9.17 -0.70 -19.17
N GLN B 112 -9.14 0.10 -20.24
CA GLN B 112 -8.85 1.52 -20.10
C GLN B 112 -9.79 2.18 -19.10
N VAL B 113 -11.10 1.95 -19.25
CA VAL B 113 -12.08 2.52 -18.33
C VAL B 113 -11.80 2.04 -16.90
N THR B 114 -11.51 0.75 -16.74
CA THR B 114 -11.26 0.20 -15.41
C THR B 114 -10.03 0.82 -14.74
N LEU B 115 -8.92 0.94 -15.49
CA LEU B 115 -7.71 1.52 -14.93
C LEU B 115 -7.95 2.95 -14.48
N LEU B 116 -8.72 3.73 -15.27
CA LEU B 116 -9.00 5.12 -14.89
C LEU B 116 -9.93 5.15 -13.67
N LYS B 117 -10.99 4.37 -13.69
CA LYS B 117 -11.95 4.35 -12.59
C LYS B 117 -11.26 4.15 -11.23
N TYR B 118 -10.34 3.19 -11.15
CA TYR B 118 -9.72 2.79 -9.89
C TYR B 118 -8.44 3.57 -9.58
N GLY B 119 -7.92 4.34 -10.52
CA GLY B 119 -6.66 5.00 -10.33
C GLY B 119 -6.80 6.48 -10.03
N VAL B 120 -7.90 7.10 -10.45
CA VAL B 120 -8.00 8.56 -10.37
C VAL B 120 -7.91 9.02 -8.92
N HIS B 121 -8.46 8.24 -7.98
CA HIS B 121 -8.43 8.67 -6.60
C HIS B 121 -7.00 8.76 -6.08
N GLU B 122 -6.15 7.80 -6.44
CA GLU B 122 -4.75 7.83 -6.04
C GLU B 122 -3.99 8.97 -6.73
N ILE B 123 -4.31 9.24 -8.00
CA ILE B 123 -3.58 10.30 -8.69
C ILE B 123 -4.01 11.65 -8.17
N ILE B 124 -5.30 11.82 -7.89
CA ILE B 124 -5.74 13.10 -7.35
C ILE B 124 -5.03 13.40 -6.03
N TYR B 125 -4.97 12.42 -5.11
CA TYR B 125 -4.26 12.64 -3.85
C TYR B 125 -2.79 12.95 -4.09
N THR B 126 -2.15 12.21 -5.00
CA THR B 126 -0.74 12.43 -5.28
C THR B 126 -0.51 13.85 -5.77
N MET B 127 -1.36 14.29 -6.70
CA MET B 127 -1.12 15.53 -7.40
C MET B 127 -1.53 16.74 -6.55
N LEU B 128 -2.47 16.51 -5.65
CA LEU B 128 -2.88 17.53 -4.69
C LEU B 128 -1.70 17.96 -3.83
N ALA B 129 -0.83 17.01 -3.46
CA ALA B 129 0.34 17.33 -2.67
C ALA B 129 1.22 18.38 -3.35
N SER B 130 1.26 18.41 -4.67
CA SER B 130 2.00 19.46 -5.37
C SER B 130 1.46 20.86 -5.05
N LEU B 131 0.19 20.97 -4.70
CA LEU B 131 -0.46 22.25 -4.42
C LEU B 131 -0.47 22.61 -2.95
N MET B 132 0.09 21.77 -2.07
CA MET B 132 0.03 22.05 -0.64
C MET B 132 1.41 22.20 -0.02
N ASN B 133 1.46 22.96 1.06
CA ASN B 133 2.48 22.85 2.07
C ASN B 133 1.79 22.60 3.41
N LYS B 134 2.55 22.77 4.50
CA LYS B 134 2.00 22.51 5.83
C LYS B 134 0.94 23.54 6.23
N ASP B 135 0.79 24.64 5.49
CA ASP B 135 -0.06 25.76 5.90
C ASP B 135 -1.32 25.94 5.05
N GLY B 136 -1.40 25.31 3.88
CA GLY B 136 -2.62 25.40 3.10
C GLY B 136 -2.43 24.82 1.72
N VAL B 137 -3.42 25.08 0.87
CA VAL B 137 -3.49 24.52 -0.48
C VAL B 137 -3.82 25.64 -1.46
N LEU B 138 -3.15 25.61 -2.61
CA LEU B 138 -3.52 26.47 -3.73
C LEU B 138 -4.80 25.96 -4.41
N ILE B 139 -5.63 26.90 -4.87
CA ILE B 139 -6.86 26.59 -5.59
C ILE B 139 -6.97 27.53 -6.80
N SER B 140 -7.82 27.15 -7.76
CA SER B 140 -8.10 27.97 -8.95
C SER B 140 -6.82 28.36 -9.68
N GLU B 141 -6.08 27.33 -10.09
CA GLU B 141 -4.83 27.48 -10.82
C GLU B 141 -3.91 28.49 -10.13
N GLY B 142 -3.87 28.41 -8.80
CA GLY B 142 -2.91 29.17 -8.04
C GLY B 142 -3.32 30.57 -7.61
N GLN B 143 -4.50 31.06 -8.02
CA GLN B 143 -4.91 32.40 -7.65
C GLN B 143 -5.38 32.48 -6.21
N GLY B 144 -5.90 31.39 -5.66
CA GLY B 144 -6.29 31.40 -4.26
C GLY B 144 -5.38 30.51 -3.43
N PHE B 145 -5.40 30.69 -2.12
CA PHE B 145 -4.67 29.86 -1.16
C PHE B 145 -5.55 29.72 0.06
N MET B 146 -5.99 28.49 0.33
CA MET B 146 -6.91 28.20 1.43
C MET B 146 -6.09 27.61 2.59
N THR B 147 -6.19 28.22 3.76
CA THR B 147 -5.30 27.80 4.84
C THR B 147 -5.71 26.46 5.42
N ARG B 148 -4.70 25.71 5.87
CA ARG B 148 -4.94 24.45 6.57
C ARG B 148 -5.76 24.63 7.83
N GLU B 149 -5.47 25.69 8.60
CA GLU B 149 -6.20 25.91 9.84
C GLU B 149 -7.68 26.11 9.57
N PHE B 150 -8.01 26.95 8.58
CA PHE B 150 -9.40 27.17 8.22
C PHE B 150 -10.10 25.87 7.80
N LEU B 151 -9.45 25.09 6.94
CA LEU B 151 -10.04 23.81 6.53
C LEU B 151 -10.17 22.84 7.69
N LYS B 152 -9.07 22.64 8.43
CA LYS B 152 -9.05 21.75 9.60
C LYS B 152 -10.12 22.11 10.62
N SER B 153 -10.54 23.36 10.66
CA SER B 153 -11.48 23.83 11.68
C SER B 153 -12.94 23.82 11.23
N LEU B 154 -13.24 23.32 10.03
CA LEU B 154 -14.63 23.25 9.63
C LEU B 154 -15.40 22.28 10.53
N ARG B 155 -16.69 22.54 10.67
CA ARG B 155 -17.49 21.88 11.68
C ARG B 155 -17.61 20.38 11.42
N LYS B 156 -18.29 19.72 12.36
CA LYS B 156 -18.71 18.31 12.43
C LYS B 156 -17.76 17.42 11.62
N PRO B 157 -18.15 16.67 10.57
CA PRO B 157 -17.16 15.77 9.98
C PRO B 157 -16.26 16.41 8.93
N PHE B 158 -16.56 17.64 8.51
CA PHE B 158 -15.84 18.22 7.38
C PHE B 158 -14.41 18.59 7.75
N GLY B 159 -14.21 19.15 8.95
CA GLY B 159 -12.86 19.42 9.42
C GLY B 159 -11.96 18.19 9.37
N ASP B 160 -12.43 17.08 9.93
CA ASP B 160 -11.65 15.84 9.90
C ASP B 160 -11.55 15.22 8.51
N PHE B 161 -12.33 15.69 7.55
CA PHE B 161 -12.21 15.20 6.18
C PHE B 161 -11.06 15.87 5.45
N MET B 162 -10.77 17.14 5.77
CA MET B 162 -9.75 17.86 5.03
C MET B 162 -8.34 17.54 5.52
N GLU B 163 -8.17 17.40 6.84
CA GLU B 163 -6.83 17.33 7.41
C GLU B 163 -6.03 16.10 6.98
N PRO B 164 -6.57 14.87 6.87
CA PRO B 164 -5.75 13.74 6.38
C PRO B 164 -5.05 14.01 5.03
N LYS B 165 -5.67 14.79 4.14
CA LYS B 165 -5.02 15.19 2.90
C LYS B 165 -3.71 15.93 3.16
N PHE B 166 -3.72 16.88 4.11
CA PHE B 166 -2.49 17.62 4.43
C PHE B 166 -1.43 16.71 5.06
N GLU B 167 -1.83 15.81 5.96
CA GLU B 167 -0.84 14.94 6.61
C GLU B 167 -0.15 14.04 5.59
N PHE B 168 -0.92 13.51 4.63
CA PHE B 168 -0.28 12.74 3.56
C PHE B 168 0.66 13.63 2.75
N ALA B 169 0.19 14.83 2.37
CA ALA B 169 0.95 15.68 1.46
C ALA B 169 2.29 16.08 2.05
N VAL B 170 2.33 16.42 3.35
CA VAL B 170 3.59 16.83 3.97
C VAL B 170 4.61 15.69 3.96
N LYS B 171 4.15 14.48 4.31
CA LYS B 171 5.01 13.31 4.20
C LYS B 171 5.45 13.08 2.76
N PHE B 172 4.51 13.13 1.81
CA PHE B 172 4.90 12.85 0.42
C PHE B 172 5.86 13.90 -0.11
N ASN B 173 5.62 15.17 0.23
CA ASN B 173 6.45 16.25 -0.29
C ASN B 173 7.88 16.22 0.24
N ALA B 174 8.12 15.55 1.38
CA ALA B 174 9.49 15.41 1.88
C ALA B 174 10.40 14.63 0.94
N LEU B 175 9.82 13.88 -0.01
CA LEU B 175 10.61 13.19 -1.02
C LEU B 175 11.14 14.15 -2.08
N GLU B 176 10.58 15.36 -2.19
CA GLU B 176 11.11 16.41 -3.07
C GLU B 176 11.11 16.00 -4.56
N LEU B 177 10.04 15.36 -5.01
CA LEU B 177 9.92 15.06 -6.44
C LEU B 177 9.64 16.34 -7.23
N ASP B 178 10.11 16.38 -8.47
CA ASP B 178 9.65 17.43 -9.38
C ASP B 178 8.70 16.83 -10.42
N ASP B 179 8.28 17.67 -11.35
CA ASP B 179 7.24 17.29 -12.31
C ASP B 179 7.69 16.14 -13.21
N SER B 180 8.95 16.18 -13.67
CA SER B 180 9.46 15.08 -14.51
C SER B 180 9.49 13.75 -13.75
N ASP B 181 9.73 13.78 -12.44
CA ASP B 181 9.56 12.58 -11.63
C ASP B 181 8.10 12.15 -11.61
N LEU B 182 7.20 13.11 -11.31
CA LEU B 182 5.81 12.81 -11.05
C LEU B 182 5.08 12.30 -12.29
N ALA B 183 5.47 12.78 -13.49
CA ALA B 183 4.85 12.30 -14.73
C ALA B 183 4.98 10.79 -14.88
N ILE B 184 6.17 10.25 -14.65
CA ILE B 184 6.34 8.79 -14.73
C ILE B 184 5.60 8.12 -13.56
N PHE B 185 5.70 8.67 -12.36
CA PHE B 185 5.02 8.07 -11.22
C PHE B 185 3.51 7.94 -11.47
N ILE B 186 2.87 9.02 -11.96
CA ILE B 186 1.44 9.01 -12.24
C ILE B 186 1.10 7.92 -13.25
N ALA B 187 1.93 7.78 -14.29
CA ALA B 187 1.71 6.76 -15.30
C ALA B 187 1.81 5.38 -14.69
N VAL B 188 2.78 5.16 -13.79
CA VAL B 188 2.92 3.88 -13.12
C VAL B 188 1.64 3.52 -12.38
N ILE B 189 1.04 4.50 -11.69
CA ILE B 189 -0.20 4.24 -10.95
C ILE B 189 -1.32 3.80 -11.89
N ILE B 190 -1.43 4.46 -13.05
CA ILE B 190 -2.52 4.15 -13.95
C ILE B 190 -2.42 2.70 -14.42
N LEU B 191 -1.21 2.27 -14.77
CA LEU B 191 -1.00 0.95 -15.35
C LEU B 191 -0.81 -0.10 -14.24
N SER B 192 -1.81 -0.18 -13.36
CA SER B 192 -1.79 -1.13 -12.25
C SER B 192 -2.55 -2.40 -12.68
N GLY B 193 -1.83 -3.49 -12.90
CA GLY B 193 -2.51 -4.68 -13.37
C GLY B 193 -3.35 -5.42 -12.35
N ASP B 194 -3.48 -4.90 -11.13
CA ASP B 194 -4.27 -5.57 -10.11
C ASP B 194 -5.62 -4.88 -9.85
N ARG B 195 -6.07 -4.00 -10.74
CA ARG B 195 -7.41 -3.44 -10.54
C ARG B 195 -8.45 -4.54 -10.71
N PRO B 196 -9.55 -4.48 -9.95
CA PRO B 196 -10.61 -5.48 -10.09
C PRO B 196 -11.22 -5.44 -11.49
N GLY B 197 -11.41 -6.64 -12.07
CA GLY B 197 -12.18 -6.79 -13.29
C GLY B 197 -11.42 -6.57 -14.56
N LEU B 198 -10.08 -6.50 -14.50
CA LEU B 198 -9.30 -6.36 -15.73
C LEU B 198 -9.44 -7.62 -16.59
N LEU B 199 -9.59 -7.41 -17.89
CA LEU B 199 -9.81 -8.51 -18.80
C LEU B 199 -8.51 -9.10 -19.33
N ASN B 200 -7.53 -8.24 -19.61
CA ASN B 200 -6.27 -8.65 -20.21
C ASN B 200 -5.12 -7.96 -19.47
N VAL B 201 -4.64 -8.60 -18.40
CA VAL B 201 -3.64 -8.02 -17.51
C VAL B 201 -2.27 -7.95 -18.15
N LYS B 202 -1.93 -8.90 -19.02
CA LYS B 202 -0.56 -8.96 -19.52
C LYS B 202 -0.08 -7.67 -20.16
N PRO B 203 -0.76 -7.04 -21.12
CA PRO B 203 -0.22 -5.83 -21.73
C PRO B 203 -0.19 -4.64 -20.78
N ILE B 204 -1.01 -4.64 -19.73
CA ILE B 204 -0.94 -3.59 -18.71
C ILE B 204 0.34 -3.75 -17.89
N GLU B 205 0.61 -4.96 -17.41
CA GLU B 205 1.82 -5.19 -16.65
C GLU B 205 3.07 -5.00 -17.51
N ASP B 206 2.99 -5.30 -18.81
CA ASP B 206 4.10 -5.02 -19.70
C ASP B 206 4.41 -3.53 -19.79
N ILE B 207 3.38 -2.69 -19.92
CA ILE B 207 3.60 -1.26 -19.99
C ILE B 207 4.15 -0.75 -18.66
N GLN B 208 3.59 -1.25 -17.56
CA GLN B 208 4.07 -0.82 -16.26
C GLN B 208 5.55 -1.14 -16.12
N ASP B 209 5.98 -2.34 -16.54
CA ASP B 209 7.41 -2.68 -16.42
C ASP B 209 8.27 -1.66 -17.18
N ASN B 210 7.82 -1.22 -18.36
CA ASN B 210 8.54 -0.13 -19.04
C ASN B 210 8.56 1.13 -18.18
N LEU B 211 7.39 1.52 -17.65
CA LEU B 211 7.32 2.75 -16.89
C LEU B 211 8.17 2.69 -15.63
N LEU B 212 8.19 1.53 -14.95
CA LEU B 212 9.00 1.37 -13.75
C LEU B 212 10.48 1.52 -14.07
N GLN B 213 10.94 0.89 -15.15
CA GLN B 213 12.30 1.12 -15.61
C GLN B 213 12.56 2.59 -15.85
N ALA B 214 11.60 3.30 -16.44
CA ALA B 214 11.80 4.70 -16.73
C ALA B 214 11.86 5.51 -15.44
N LEU B 215 11.04 5.15 -14.45
CA LEU B 215 11.05 5.87 -13.19
C LEU B 215 12.34 5.64 -12.44
N GLU B 216 12.78 4.38 -12.35
CA GLU B 216 14.03 4.03 -11.68
C GLU B 216 15.21 4.80 -12.25
N LEU B 217 15.38 4.76 -13.58
CA LEU B 217 16.49 5.46 -14.21
C LEU B 217 16.40 6.97 -13.99
N GLN B 218 15.20 7.53 -14.16
CA GLN B 218 14.99 8.98 -13.97
C GLN B 218 15.41 9.41 -12.56
N LEU B 219 15.01 8.65 -11.54
CA LEU B 219 15.31 9.01 -10.15
C LEU B 219 16.81 8.89 -9.85
N LYS B 220 17.50 7.91 -10.44
CA LYS B 220 18.95 7.87 -10.26
C LYS B 220 19.64 9.11 -10.87
N LEU B 221 19.17 9.55 -12.05
CA LEU B 221 19.80 10.68 -12.74
C LEU B 221 19.40 12.04 -12.15
N ASN B 222 18.16 12.17 -11.67
CA ASN B 222 17.64 13.45 -11.19
C ASN B 222 17.85 13.64 -9.69
N HIS B 223 18.07 12.56 -8.96
CA HIS B 223 18.35 12.61 -7.52
C HIS B 223 19.46 11.60 -7.22
N PRO B 224 20.66 11.82 -7.76
CA PRO B 224 21.71 10.80 -7.60
C PRO B 224 22.15 10.58 -6.16
N GLU B 225 21.96 11.57 -5.28
CA GLU B 225 22.36 11.45 -3.87
C GLU B 225 21.22 10.97 -2.99
N SER B 226 20.09 10.59 -3.57
CA SER B 226 18.91 10.20 -2.81
C SER B 226 18.81 8.67 -2.85
N SER B 227 19.51 8.01 -1.93
CA SER B 227 19.63 6.56 -1.94
C SER B 227 18.27 5.88 -1.88
N GLN B 228 18.05 4.92 -2.79
CA GLN B 228 16.85 4.08 -2.78
C GLN B 228 15.56 4.90 -2.84
N LEU B 229 15.60 6.08 -3.47
CA LEU B 229 14.38 6.89 -3.60
C LEU B 229 13.31 6.13 -4.40
N PHE B 230 13.74 5.37 -5.41
CA PHE B 230 12.81 4.52 -6.16
C PHE B 230 12.00 3.62 -5.22
N ALA B 231 12.70 2.86 -4.36
CA ALA B 231 12.03 2.01 -3.37
C ALA B 231 11.11 2.81 -2.46
N LYS B 232 11.58 3.98 -1.96
CA LYS B 232 10.77 4.77 -1.03
C LYS B 232 9.51 5.30 -1.70
N LEU B 233 9.62 5.69 -2.98
CA LEU B 233 8.44 6.14 -3.72
C LEU B 233 7.44 5.01 -3.94
N LEU B 234 7.93 3.78 -4.20
CA LEU B 234 6.99 2.65 -4.33
C LEU B 234 6.31 2.38 -3.00
N GLN B 235 7.02 2.54 -1.89
CA GLN B 235 6.41 2.31 -0.59
C GLN B 235 5.25 3.28 -0.33
N LYS B 236 5.31 4.47 -0.96
CA LYS B 236 4.24 5.46 -0.86
C LYS B 236 2.96 5.01 -1.57
N MET B 237 3.06 4.08 -2.52
CA MET B 237 1.85 3.45 -3.03
C MET B 237 1.12 2.63 -1.98
N THR B 238 1.79 2.20 -0.93
CA THR B 238 1.04 1.62 0.19
C THR B 238 0.21 2.70 0.87
N ASP B 239 0.85 3.82 1.20
CA ASP B 239 0.13 4.94 1.80
C ASP B 239 -1.07 5.38 0.95
N LEU B 240 -0.90 5.42 -0.37
CA LEU B 240 -1.98 5.91 -1.24
C LEU B 240 -3.20 5.00 -1.16
N ARG B 241 -2.99 3.69 -1.34
CA ARG B 241 -4.09 2.74 -1.31
C ARG B 241 -4.85 2.82 0.01
N GLN B 242 -4.11 2.94 1.12
CA GLN B 242 -4.73 3.00 2.45
C GLN B 242 -5.57 4.25 2.62
N ILE B 243 -5.07 5.41 2.19
CA ILE B 243 -5.82 6.65 2.42
C ILE B 243 -6.99 6.78 1.44
N VAL B 244 -6.85 6.26 0.21
CA VAL B 244 -8.00 6.22 -0.68
C VAL B 244 -9.13 5.38 -0.06
N THR B 245 -8.77 4.27 0.58
CA THR B 245 -9.78 3.45 1.27
C THR B 245 -10.42 4.22 2.42
N GLU B 246 -9.61 4.87 3.27
CA GLU B 246 -10.16 5.68 4.34
C GLU B 246 -11.04 6.79 3.79
N HIS B 247 -10.66 7.36 2.66
CA HIS B 247 -11.42 8.45 2.05
C HIS B 247 -12.84 8.00 1.71
N VAL B 248 -12.95 6.86 1.02
CA VAL B 248 -14.24 6.34 0.59
C VAL B 248 -15.15 6.11 1.79
N GLN B 249 -14.61 5.51 2.85
CA GLN B 249 -15.42 5.28 4.06
C GLN B 249 -15.92 6.59 4.66
N LEU B 250 -15.12 7.67 4.57
CA LEU B 250 -15.59 8.95 5.09
C LEU B 250 -16.68 9.55 4.22
N LEU B 251 -16.57 9.45 2.89
CA LEU B 251 -17.66 9.90 2.04
C LEU B 251 -18.96 9.18 2.38
N GLN B 252 -18.89 7.85 2.55
CA GLN B 252 -20.09 7.08 2.88
C GLN B 252 -20.75 7.59 4.16
N VAL B 253 -19.95 7.95 5.16
CA VAL B 253 -20.49 8.47 6.41
C VAL B 253 -21.13 9.83 6.19
N ILE B 254 -20.51 10.69 5.38
CA ILE B 254 -21.05 12.02 5.13
C ILE B 254 -22.39 11.93 4.40
N LYS B 255 -22.49 11.02 3.42
CA LYS B 255 -23.75 10.85 2.70
C LYS B 255 -24.86 10.39 3.64
N LYS B 256 -24.59 9.38 4.47
CA LYS B 256 -25.60 8.80 5.35
C LYS B 256 -26.02 9.70 6.50
N THR B 257 -25.20 10.68 6.87
CA THR B 257 -25.46 11.53 8.03
C THR B 257 -26.09 12.87 7.67
N GLU B 258 -25.66 13.49 6.58
CA GLU B 258 -26.03 14.87 6.26
C GLU B 258 -27.19 14.88 5.26
N THR B 259 -28.27 15.58 5.60
CA THR B 259 -29.37 15.80 4.68
C THR B 259 -29.33 17.15 3.98
N ASP B 260 -28.64 18.14 4.56
CA ASP B 260 -28.46 19.46 3.95
C ASP B 260 -27.51 19.41 2.74
N MET B 261 -27.28 18.23 2.18
CA MET B 261 -26.42 18.11 1.01
C MET B 261 -27.19 17.54 -0.17
N SER B 262 -28.38 18.08 -0.41
CA SER B 262 -29.09 17.79 -1.65
C SER B 262 -28.73 18.86 -2.68
N LEU B 263 -28.34 18.40 -3.85
CA LEU B 263 -28.02 19.20 -5.03
C LEU B 263 -29.03 18.85 -6.13
N HIS B 264 -29.05 19.67 -7.17
CA HIS B 264 -29.88 19.40 -8.33
C HIS B 264 -29.59 17.99 -8.86
N PRO B 265 -30.62 17.20 -9.22
CA PRO B 265 -30.38 15.79 -9.59
C PRO B 265 -29.40 15.60 -10.74
N LEU B 266 -29.38 16.54 -11.68
CA LEU B 266 -28.41 16.54 -12.77
C LEU B 266 -27.00 16.82 -12.25
N LEU B 267 -26.87 17.72 -11.28
CA LEU B 267 -25.56 17.95 -10.67
C LEU B 267 -25.08 16.71 -9.90
N GLN B 268 -25.97 16.07 -9.14
CA GLN B 268 -25.64 14.82 -8.47
C GLN B 268 -25.12 13.79 -9.46
N GLU B 269 -25.67 13.80 -10.67
CA GLU B 269 -25.29 12.80 -11.67
C GLU B 269 -23.87 13.06 -12.17
N ILE B 270 -23.52 14.32 -12.38
CA ILE B 270 -22.16 14.66 -12.81
C ILE B 270 -21.15 14.16 -11.79
N TYR B 271 -21.49 14.28 -10.50
CA TYR B 271 -20.62 13.90 -9.38
C TYR B 271 -20.80 12.44 -8.92
N LYS B 272 -21.48 11.60 -9.69
CA LYS B 272 -21.81 10.27 -9.19
C LYS B 272 -20.59 9.49 -8.71
N ASP B 273 -19.46 9.61 -9.39
CA ASP B 273 -18.29 8.80 -8.99
C ASP B 273 -17.53 9.42 -7.81
C17 A1IPY C . -6.18 -18.76 8.19
C20 A1IPY C . -3.81 -18.89 9.66
C22 A1IPY C . -2.30 -21.76 10.54
C18 A1IPY C . -5.15 -19.64 7.85
C16 A1IPY C . -6.03 -17.93 9.30
C15 A1IPY C . -4.84 -18.00 10.01
C11 A1IPY C . -2.38 -13.48 13.80
C3 A1IPY C . 0.97 -18.97 10.54
C8 A1IPY C . -4.10 -15.31 12.58
C12 A1IPY C . -3.39 -14.08 14.53
C1 A1IPY C . 2.58 -20.90 10.42
C2 A1IPY C . 1.18 -20.34 10.48
C6 A1IPY C . -2.76 -18.71 10.60
C10 A1IPY C . -2.23 -13.78 12.46
C9 A1IPY C . -3.09 -14.67 11.86
C13 A1IPY C . -4.26 -15.00 13.94
C14 A1IPY C . -5.33 -15.61 14.81
C19 A1IPY C . -3.99 -19.74 8.55
C21 A1IPY C . -1.20 -20.72 10.51
C23 A1IPY C . -2.63 -23.77 11.86
C24 A1IPY C . -3.91 -23.93 11.36
C25 A1IPY C . -4.70 -24.97 11.84
C26 A1IPY C . -4.23 -25.84 12.80
C27 A1IPY C . -2.95 -25.67 13.29
C28 A1IPY C . -2.15 -24.65 12.82
C29 A1IPY C . 0.09 -21.20 10.47
C4 A1IPY C . -0.31 -18.47 10.59
C5 A1IPY C . -1.42 -19.34 10.62
C7 A1IPY C . -4.98 -16.28 11.86
F1 A1IPY C . -6.53 -15.65 14.22
F2 A1IPY C . -5.09 -16.87 15.13
F3 A1IPY C . -5.52 -14.94 15.96
N1 A1IPY C . -3.06 -17.74 11.44
N2 A1IPY C . -4.36 -17.32 11.13
O1 A1IPY C . 2.69 -22.16 10.45
O2 A1IPY C . 3.53 -20.10 10.29
O3 A1IPY C . -6.19 -16.18 11.82
O4 A1IPY C . -1.80 -22.76 11.44
CL1 A1IPY C . -2.84 -15.01 10.16
CL2 A1IPY C . -5.36 -20.69 6.47
C17 A1IPY D . -9.22 18.34 0.84
C20 A1IPY D . -9.10 18.36 -1.96
C22 A1IPY D . -9.22 21.09 -3.87
C18 A1IPY D . -8.51 19.32 0.13
C16 A1IPY D . -9.89 17.36 0.14
C15 A1IPY D . -9.82 17.37 -1.25
C11 A1IPY D . -10.72 12.24 -4.92
C3 A1IPY D . -7.26 18.29 -6.50
C8 A1IPY D . -10.97 14.29 -3.05
C12 A1IPY D . -11.95 12.82 -4.67
C1 A1IPY D . -6.39 20.19 -7.91
C2 A1IPY D . -7.19 19.66 -6.74
C6 A1IPY D . -9.27 18.07 -3.35
C10 A1IPY D . -9.60 12.69 -4.23
C9 A1IPY D . -9.73 13.72 -3.32
C13 A1IPY D . -12.10 13.83 -3.73
C14 A1IPY D . -13.46 14.43 -3.52
C19 A1IPY D . -8.45 19.37 -1.24
C21 A1IPY D . -8.55 20.08 -4.76
C23 A1IPY D . -10.69 22.98 -4.22
C24 A1IPY D . -11.11 24.01 -5.06
C25 A1IPY D . -11.88 25.04 -4.54
C26 A1IPY D . -12.23 25.06 -3.21
C27 A1IPY D . -11.79 24.05 -2.38
C28 A1IPY D . -11.02 23.00 -2.87
C29 A1IPY D . -7.82 20.54 -5.85
C4 A1IPY D . -7.97 17.82 -5.42
C5 A1IPY D . -8.63 18.69 -4.54
C7 A1IPY D . -11.07 15.37 -2.01
F1 A1IPY D . -14.25 14.26 -4.57
F2 A1IPY D . -14.07 13.97 -2.44
F3 A1IPY D . -13.42 15.76 -3.34
N1 A1IPY D . -9.94 16.94 -3.50
N2 A1IPY D . -10.33 16.53 -2.22
O1 A1IPY D . -5.56 19.42 -8.46
O2 A1IPY D . -6.50 21.39 -8.20
O3 A1IPY D . -11.73 15.27 -1.00
O4 A1IPY D . -9.91 21.99 -4.75
CL1 A1IPY D . -8.30 14.22 -2.48
CL2 A1IPY D . -7.69 20.57 1.04
#